data_2OTP
#
_entry.id   2OTP
#
_cell.length_a   41.842
_cell.length_b   72.971
_cell.length_c   131.853
_cell.angle_alpha   90.00
_cell.angle_beta   90.32
_cell.angle_gamma   90.00
#
_symmetry.space_group_name_H-M   'C 1 2 1'
#
loop_
_entity.id
_entity.type
_entity.pdbx_description
1 polymer 'Leukocyte immunoglobulin-like receptor subfamily A member 2'
2 water water
#
_entity_poly.entity_id   1
_entity_poly.type   'polypeptide(L)'
_entity_poly.pdbx_seq_one_letter_code
;GHLPKPTLWAEPGSVIIQGSPVTLRCQGSLQAEEYHLYRENKSASWVRRIQEPGKNGQFPIPSITWEHAGRYHCQYYSHN
HSSEYSDPLELVVTGAYSKPTLSALPSPVVTLGGNVTLQCVSQVAFDGFILCKEGEDEHPQCLNSHSHARGWSWAIFSVG
PVSPSRRWSYRCYAYDSNSPYVWSLPSDLLELLVPG
;
_entity_poly.pdbx_strand_id   A,B
#
# COMPACT_ATOMS: atom_id res chain seq x y z
N LEU A 3 26.22 22.17 8.14
CA LEU A 3 25.08 23.08 8.09
C LEU A 3 23.91 22.46 7.32
N PRO A 4 22.72 22.62 7.90
CA PRO A 4 21.47 22.02 7.47
C PRO A 4 21.34 21.80 5.96
N LYS A 5 21.10 20.53 5.59
CA LYS A 5 20.80 20.09 4.25
C LYS A 5 19.47 20.66 3.75
N PRO A 6 19.45 21.11 2.50
CA PRO A 6 18.26 21.77 1.95
C PRO A 6 17.05 20.84 1.89
N THR A 7 15.90 21.44 1.62
CA THR A 7 14.65 20.72 1.44
C THR A 7 14.19 20.91 0.00
N LEU A 8 13.91 19.80 -0.69
CA LEU A 8 13.53 19.87 -2.10
C LEU A 8 12.33 19.00 -2.44
N TRP A 9 11.22 19.67 -2.76
CA TRP A 9 10.01 19.00 -3.23
C TRP A 9 9.55 19.66 -4.52
N ALA A 10 8.54 19.05 -5.15
CA ALA A 10 8.03 19.57 -6.42
C ALA A 10 6.75 20.36 -6.19
N GLU A 11 6.77 21.63 -6.63
CA GLU A 11 5.68 22.56 -6.38
C GLU A 11 4.30 21.96 -6.68
N PRO A 12 4.07 21.41 -7.86
CA PRO A 12 2.75 20.86 -8.17
C PRO A 12 2.60 19.41 -7.71
N GLY A 13 3.65 18.62 -7.88
CA GLY A 13 3.61 17.21 -7.54
C GLY A 13 4.82 16.44 -8.03
N SER A 14 4.88 15.14 -7.78
CA SER A 14 6.04 14.32 -8.10
C SER A 14 5.81 13.38 -9.26
N VAL A 15 4.65 12.71 -9.29
CA VAL A 15 4.33 11.82 -10.40
C VAL A 15 3.46 12.56 -11.41
N ILE A 16 4.11 13.02 -12.48
CA ILE A 16 3.46 13.90 -13.45
C ILE A 16 3.27 13.23 -14.80
N ILE A 17 2.37 13.80 -15.60
CA ILE A 17 2.11 13.32 -16.96
C ILE A 17 2.85 14.16 -17.98
N GLN A 18 3.63 13.50 -18.83
CA GLN A 18 4.46 14.12 -19.84
C GLN A 18 3.76 15.28 -20.56
N GLY A 19 4.46 16.40 -20.61
CA GLY A 19 3.93 17.62 -21.19
C GLY A 19 3.16 18.46 -20.19
N SER A 20 3.63 18.50 -18.95
CA SER A 20 2.97 19.27 -17.88
C SER A 20 3.94 20.17 -17.14
N PRO A 21 3.50 21.35 -16.73
CA PRO A 21 4.36 22.32 -16.05
C PRO A 21 4.78 21.80 -14.68
N VAL A 22 6.04 22.03 -14.33
CA VAL A 22 6.58 21.56 -13.05
C VAL A 22 7.75 22.43 -12.59
N THR A 23 7.86 22.59 -11.28
CA THR A 23 8.94 23.36 -10.69
C THR A 23 9.50 22.66 -9.45
N LEU A 24 10.85 22.69 -9.37
CA LEU A 24 11.58 22.07 -8.26
C LEU A 24 12.12 23.14 -7.32
N ARG A 25 11.34 23.39 -6.26
CA ARG A 25 11.65 24.39 -5.25
C ARG A 25 12.56 23.84 -4.16
N CYS A 26 13.61 24.60 -3.86
CA CYS A 26 14.56 24.19 -2.82
C CYS A 26 14.59 25.19 -1.67
N GLN A 27 14.27 24.70 -0.47
CA GLN A 27 14.34 25.49 0.75
C GLN A 27 15.57 25.11 1.56
N GLY A 28 16.39 26.05 1.97
CA GLY A 28 17.57 25.75 2.77
C GLY A 28 17.82 26.84 3.80
N SER A 29 19.04 27.33 3.87
CA SER A 29 19.34 28.47 4.75
C SER A 29 19.15 29.77 3.97
N LEU A 30 18.39 30.71 4.52
CA LEU A 30 18.06 31.95 3.82
C LEU A 30 19.31 32.67 3.31
N GLN A 31 20.46 32.47 3.94
CA GLN A 31 21.72 33.06 3.52
C GLN A 31 22.36 32.29 2.38
N ALA A 32 21.53 31.78 1.46
CA ALA A 32 21.95 30.95 0.35
C ALA A 32 22.28 31.75 -0.92
N GLU A 33 23.40 31.40 -1.55
CA GLU A 33 23.86 32.12 -2.73
C GLU A 33 23.97 31.20 -3.96
N GLU A 34 24.14 29.89 -3.74
CA GLU A 34 24.16 28.99 -4.90
C GLU A 34 23.39 27.70 -4.59
N TYR A 35 23.55 26.73 -5.48
CA TYR A 35 22.82 25.48 -5.36
C TYR A 35 23.54 24.29 -6.02
N HIS A 36 22.75 23.28 -6.39
CA HIS A 36 23.17 22.03 -6.98
C HIS A 36 21.97 21.18 -7.38
N LEU A 37 21.92 20.64 -8.58
CA LEU A 37 20.72 19.88 -8.96
C LEU A 37 21.04 18.51 -9.54
N TYR A 38 20.17 18.08 -10.44
CA TYR A 38 20.09 16.82 -11.14
C TYR A 38 21.40 16.01 -11.12
N ARG A 39 21.26 14.72 -10.87
CA ARG A 39 22.45 13.85 -10.83
C ARG A 39 22.18 12.44 -11.37
N GLU A 40 22.91 12.12 -12.42
CA GLU A 40 22.90 10.79 -13.02
C GLU A 40 24.27 10.49 -13.65
N ASN A 41 25.04 11.53 -13.87
CA ASN A 41 26.40 11.44 -14.40
C ASN A 41 27.15 12.76 -14.20
N LYS A 42 27.69 12.90 -12.99
CA LYS A 42 28.33 14.15 -12.59
C LYS A 42 27.29 15.27 -12.56
N ALA A 44 26.24 19.30 -16.12
CA ALA A 44 26.55 18.71 -14.81
C ALA A 44 25.54 19.18 -13.75
N SER A 45 25.16 20.46 -13.81
CA SER A 45 24.20 20.99 -12.86
C SER A 45 23.52 22.28 -13.36
N TRP A 46 22.32 22.49 -12.82
CA TRP A 46 21.50 23.66 -13.03
C TRP A 46 21.59 24.57 -11.80
N VAL A 47 22.40 25.62 -11.94
CA VAL A 47 22.62 26.51 -10.81
C VAL A 47 21.95 27.88 -11.05
N ARG A 48 21.21 28.32 -10.02
CA ARG A 48 20.54 29.62 -9.99
C ARG A 48 21.13 30.48 -8.88
N ARG A 49 22.06 31.37 -9.26
CA ARG A 49 22.71 32.27 -8.32
C ARG A 49 21.78 33.43 -7.96
N ILE A 50 20.90 33.18 -6.99
CA ILE A 50 19.97 34.21 -6.54
C ILE A 50 20.72 35.36 -5.90
N GLN A 51 20.25 36.60 -6.14
CA GLN A 51 20.87 37.76 -5.53
C GLN A 51 20.77 37.68 -4.01
N GLU A 52 20.16 38.70 -3.40
CA GLU A 52 20.01 38.70 -1.94
C GLU A 52 18.60 39.02 -1.48
N PRO A 53 17.62 38.27 -1.98
CA PRO A 53 16.22 38.45 -1.58
C PRO A 53 15.80 37.46 -0.50
N GLY A 54 14.48 37.33 -0.30
CA GLY A 54 13.94 36.41 0.69
C GLY A 54 13.03 35.38 0.03
N LYS A 55 13.24 35.13 -1.25
CA LYS A 55 12.48 34.18 -2.07
C LYS A 55 13.37 33.04 -2.59
N ASN A 56 13.10 31.84 -2.15
CA ASN A 56 13.89 30.65 -2.42
C ASN A 56 14.37 30.55 -3.87
N GLY A 57 14.90 29.37 -4.22
CA GLY A 57 15.39 29.14 -5.58
C GLY A 57 14.64 28.09 -6.35
N GLN A 58 13.62 28.49 -7.09
CA GLN A 58 12.79 27.54 -7.86
C GLN A 58 13.49 27.11 -9.14
N PHE A 59 13.02 26.00 -9.70
CA PHE A 59 13.57 25.41 -10.90
C PHE A 59 12.48 24.85 -11.82
N PRO A 60 11.72 25.74 -12.42
CA PRO A 60 10.61 25.44 -13.32
C PRO A 60 11.00 24.85 -14.67
N ILE A 61 10.07 24.08 -15.22
CA ILE A 61 10.12 23.46 -16.51
C ILE A 61 8.71 23.23 -17.07
N PRO A 62 8.40 23.96 -18.15
CA PRO A 62 7.09 23.85 -18.79
C PRO A 62 6.82 22.42 -19.26
N SER A 63 7.49 22.03 -20.35
CA SER A 63 7.33 20.69 -20.87
C SER A 63 8.46 19.81 -20.36
N ILE A 64 8.08 18.68 -19.75
CA ILE A 64 9.06 17.71 -19.24
C ILE A 64 9.15 16.52 -20.21
N THR A 65 10.18 15.70 -19.99
CA THR A 65 10.38 14.51 -20.79
C THR A 65 10.60 13.30 -19.90
N TRP A 66 10.90 12.16 -20.53
CA TRP A 66 11.17 10.93 -19.80
C TRP A 66 12.56 10.99 -19.16
N GLU A 67 13.47 11.64 -19.87
CA GLU A 67 14.84 11.79 -19.39
C GLU A 67 14.88 12.58 -18.09
N HIS A 68 13.95 13.53 -17.96
CA HIS A 68 13.85 14.32 -16.73
C HIS A 68 13.63 13.43 -15.51
N ALA A 69 13.18 12.19 -15.73
CA ALA A 69 12.86 11.30 -14.61
C ALA A 69 14.13 10.67 -14.01
N GLY A 70 14.30 10.86 -12.71
CA GLY A 70 15.41 10.32 -11.95
C GLY A 70 15.49 10.90 -10.55
N ARG A 71 16.71 10.94 -9.99
CA ARG A 71 16.89 11.52 -8.67
C ARG A 71 17.18 13.01 -8.78
N TYR A 72 16.81 13.75 -7.71
CA TYR A 72 16.98 15.20 -7.71
C TYR A 72 17.45 15.72 -6.37
N HIS A 73 18.61 16.41 -6.34
CA HIS A 73 19.04 16.97 -5.05
C HIS A 73 19.70 18.34 -5.21
N CYS A 74 19.27 19.27 -4.37
CA CYS A 74 19.83 20.62 -4.36
C CYS A 74 20.92 20.74 -3.28
N GLN A 75 21.48 21.97 -3.18
CA GLN A 75 22.59 22.23 -2.28
C GLN A 75 22.95 23.71 -2.27
N TYR A 76 22.35 24.47 -1.36
CA TYR A 76 22.62 25.91 -1.31
C TYR A 76 24.06 26.23 -0.89
N TYR A 77 24.70 27.13 -1.64
CA TYR A 77 26.08 27.55 -1.33
C TYR A 77 26.09 28.97 -0.77
N SER A 78 27.00 29.23 0.17
CA SER A 78 27.11 30.56 0.77
C SER A 78 28.33 31.30 0.25
N HIS A 79 28.48 32.56 0.68
CA HIS A 79 29.63 33.34 0.26
C HIS A 79 30.92 32.58 0.56
N ASN A 80 30.92 31.89 1.72
CA ASN A 80 32.09 31.12 2.12
C ASN A 80 31.73 29.67 2.42
N HIS A 81 30.56 29.49 3.05
CA HIS A 81 30.13 28.17 3.49
C HIS A 81 29.47 27.36 2.38
N SER A 82 29.86 26.09 2.31
CA SER A 82 29.30 25.08 1.44
C SER A 82 28.49 24.06 2.26
N SER A 83 27.22 23.91 1.94
CA SER A 83 26.30 23.05 2.69
C SER A 83 26.28 21.61 2.20
N GLU A 84 25.81 20.69 3.05
CA GLU A 84 25.75 19.30 2.59
C GLU A 84 24.47 19.07 1.77
N TYR A 85 24.55 18.13 0.83
CA TYR A 85 23.42 17.84 -0.05
C TYR A 85 22.14 17.61 0.74
N SER A 86 21.04 17.45 0.02
CA SER A 86 19.72 17.27 0.63
C SER A 86 19.10 15.94 0.25
N ASP A 87 17.79 15.84 0.47
CA ASP A 87 17.06 14.61 0.15
C ASP A 87 16.86 14.45 -1.35
N PRO A 88 17.19 13.27 -1.87
CA PRO A 88 17.03 12.97 -3.30
C PRO A 88 15.56 12.90 -3.70
N LEU A 89 15.18 13.72 -4.69
CA LEU A 89 13.80 13.79 -5.16
C LEU A 89 13.52 12.78 -6.26
N GLU A 90 12.34 12.15 -6.17
CA GLU A 90 11.93 11.13 -7.13
C GLU A 90 10.92 11.67 -8.13
N LEU A 91 11.42 12.28 -9.21
CA LEU A 91 10.53 12.80 -10.23
C LEU A 91 10.11 11.69 -11.20
N VAL A 92 8.80 11.55 -11.36
CA VAL A 92 8.31 10.48 -12.23
C VAL A 92 7.36 11.04 -13.31
N VAL A 93 7.63 10.58 -14.54
CA VAL A 93 6.85 10.94 -15.71
C VAL A 93 6.09 9.72 -16.21
N THR A 94 4.77 9.90 -16.36
CA THR A 94 3.89 8.80 -16.72
C THR A 94 3.43 8.88 -18.17
N GLY A 95 2.71 7.84 -18.57
CA GLY A 95 2.15 7.68 -19.89
C GLY A 95 3.10 7.16 -20.93
N ALA A 96 4.04 6.30 -20.57
CA ALA A 96 5.01 5.80 -21.54
C ALA A 96 4.58 4.47 -22.14
N TYR A 97 4.27 3.50 -21.28
CA TYR A 97 3.91 2.18 -21.80
C TYR A 97 2.39 1.95 -21.79
N SER A 98 2.05 0.72 -22.14
CA SER A 98 0.68 0.22 -22.24
C SER A 98 -0.03 0.23 -20.89
N LYS A 99 -1.12 1.01 -20.83
CA LYS A 99 -1.91 1.15 -19.61
C LYS A 99 -2.34 -0.21 -19.05
N PRO A 100 -2.08 -0.39 -17.76
CA PRO A 100 -2.43 -1.63 -17.06
C PRO A 100 -3.92 -1.74 -16.76
N THR A 101 -4.29 -2.86 -16.13
CA THR A 101 -5.67 -3.06 -15.71
C THR A 101 -5.70 -3.30 -14.19
N LEU A 102 -6.68 -2.69 -13.55
CA LEU A 102 -6.92 -2.86 -12.12
C LEU A 102 -8.31 -3.48 -11.91
N SER A 103 -8.30 -4.73 -11.51
CA SER A 103 -9.50 -5.55 -11.33
C SER A 103 -9.71 -5.91 -9.87
N ALA A 104 -10.90 -5.59 -9.37
CA ALA A 104 -11.30 -5.88 -7.99
C ALA A 104 -11.66 -7.36 -7.81
N LEU A 105 -10.98 -7.98 -6.85
CA LEU A 105 -11.25 -9.38 -6.52
C LEU A 105 -11.79 -9.48 -5.08
N PRO A 106 -12.95 -10.12 -4.96
CA PRO A 106 -13.66 -10.66 -6.12
C PRO A 106 -14.67 -9.68 -6.71
N SER A 107 -15.35 -8.95 -5.82
CA SER A 107 -16.37 -8.01 -6.27
C SER A 107 -16.02 -6.57 -5.89
N PRO A 108 -16.25 -5.65 -6.81
CA PRO A 108 -16.09 -4.23 -6.51
C PRO A 108 -16.86 -3.90 -5.23
N VAL A 109 -18.06 -4.51 -5.13
CA VAL A 109 -18.85 -4.40 -3.93
C VAL A 109 -18.08 -5.07 -2.77
N VAL A 110 -17.86 -4.31 -1.69
CA VAL A 110 -17.12 -4.83 -0.55
C VAL A 110 -17.88 -4.55 0.75
N THR A 111 -17.84 -5.55 1.63
CA THR A 111 -18.52 -5.43 2.91
C THR A 111 -17.87 -4.37 3.80
N LEU A 112 -18.56 -3.99 4.86
CA LEU A 112 -17.98 -3.07 5.84
C LEU A 112 -16.80 -3.71 6.56
N GLY A 113 -15.61 -3.25 6.24
CA GLY A 113 -14.36 -3.68 6.85
C GLY A 113 -13.88 -5.03 6.36
N GLY A 114 -14.16 -5.34 5.10
CA GLY A 114 -13.77 -6.62 4.54
C GLY A 114 -12.40 -6.64 3.93
N ASN A 115 -12.07 -7.77 3.27
CA ASN A 115 -10.83 -7.89 2.54
C ASN A 115 -11.13 -7.93 1.03
N VAL A 116 -10.25 -7.38 0.22
CA VAL A 116 -10.47 -7.40 -1.24
C VAL A 116 -9.14 -7.42 -1.99
N THR A 117 -9.07 -8.22 -3.05
CA THR A 117 -7.83 -8.32 -3.81
C THR A 117 -7.90 -7.55 -5.11
N LEU A 118 -7.12 -6.47 -5.20
CA LEU A 118 -7.08 -5.67 -6.42
C LEU A 118 -5.94 -6.10 -7.31
N GLN A 119 -6.33 -6.71 -8.44
CA GLN A 119 -5.43 -7.22 -9.45
C GLN A 119 -5.05 -6.14 -10.44
N CYS A 120 -3.73 -5.95 -10.59
CA CYS A 120 -3.17 -5.03 -11.57
C CYS A 120 -2.48 -5.84 -12.66
N VAL A 121 -3.08 -5.87 -13.85
CA VAL A 121 -2.57 -6.65 -14.97
C VAL A 121 -2.16 -5.75 -16.14
N SER A 122 -1.51 -6.39 -17.11
CA SER A 122 -1.10 -5.73 -18.35
C SER A 122 -0.76 -6.74 -19.43
N GLN A 123 -0.73 -6.30 -20.69
CA GLN A 123 -0.46 -7.22 -21.78
C GLN A 123 1.02 -7.59 -21.84
N VAL A 124 1.88 -6.80 -21.19
CA VAL A 124 3.29 -7.10 -21.22
C VAL A 124 3.85 -7.55 -19.88
N ALA A 125 5.00 -8.22 -19.93
CA ALA A 125 5.69 -8.66 -18.73
C ALA A 125 6.27 -7.45 -17.98
N PHE A 126 5.93 -7.35 -16.71
CA PHE A 126 6.41 -6.23 -15.90
C PHE A 126 6.69 -6.65 -14.47
N ASP A 127 7.75 -6.09 -13.89
CA ASP A 127 8.09 -6.36 -12.50
C ASP A 127 8.16 -5.03 -11.72
N GLY A 128 7.26 -4.14 -12.04
CA GLY A 128 7.10 -2.83 -11.44
C GLY A 128 5.68 -2.31 -11.65
N PHE A 129 4.97 -2.06 -10.54
CA PHE A 129 3.60 -1.55 -10.65
C PHE A 129 3.32 -0.49 -9.59
N ILE A 130 2.27 0.31 -9.83
CA ILE A 130 1.88 1.34 -8.88
C ILE A 130 0.41 1.25 -8.52
N LEU A 131 0.14 1.48 -7.24
CA LEU A 131 -1.20 1.58 -6.71
C LEU A 131 -1.43 3.01 -6.17
N CYS A 132 -2.59 3.59 -6.44
CA CYS A 132 -2.87 4.94 -5.96
C CYS A 132 -4.17 4.99 -5.15
N LYS A 133 -4.54 6.25 -4.83
CA LYS A 133 -5.75 6.53 -4.06
C LYS A 133 -6.23 7.94 -4.33
N GLU A 134 -7.54 8.18 -4.30
CA GLU A 134 -8.03 9.55 -4.48
C GLU A 134 -8.82 9.98 -3.25
N GLY A 135 -8.42 11.13 -2.70
CA GLY A 135 -9.02 11.69 -1.51
C GLY A 135 -9.99 12.82 -1.81
N GLU A 136 -10.03 13.79 -0.87
CA GLU A 136 -10.95 14.92 -0.91
C GLU A 136 -10.45 16.08 -1.75
N ASP A 137 -10.09 17.17 -1.08
CA ASP A 137 -9.62 18.37 -1.75
C ASP A 137 -8.32 18.10 -2.52
N GLU A 138 -7.42 17.40 -1.85
CA GLU A 138 -6.10 17.14 -2.44
C GLU A 138 -6.21 16.26 -3.68
N HIS A 139 -5.04 16.03 -4.29
CA HIS A 139 -4.93 15.30 -5.55
C HIS A 139 -4.21 13.97 -5.40
N PRO A 140 -4.42 13.12 -6.41
CA PRO A 140 -3.92 11.75 -6.55
C PRO A 140 -2.70 11.43 -5.71
N GLN A 141 -2.71 10.23 -5.12
CA GLN A 141 -1.64 9.81 -4.22
C GLN A 141 -1.37 8.30 -4.40
N CYS A 142 -0.12 7.96 -4.65
CA CYS A 142 0.27 6.61 -5.02
C CYS A 142 1.34 6.01 -4.12
N LEU A 143 1.52 4.70 -4.28
CA LEU A 143 2.45 3.94 -3.45
C LEU A 143 3.18 2.86 -4.24
N ASN A 144 4.49 2.82 -4.03
CA ASN A 144 5.37 1.83 -4.67
C ASN A 144 6.02 0.96 -3.60
N SER A 145 6.34 -0.29 -3.99
CA SER A 145 7.02 -1.20 -3.07
C SER A 145 8.28 -1.78 -3.70
N HIS A 146 9.37 -1.70 -2.94
CA HIS A 146 10.66 -2.22 -3.42
C HIS A 146 11.31 -3.06 -2.34
N SER A 147 12.36 -3.80 -2.71
CA SER A 147 12.92 -4.70 -1.70
C SER A 147 14.42 -4.50 -1.53
N HIS A 148 14.90 -4.94 -0.35
CA HIS A 148 16.31 -4.83 -0.02
C HIS A 148 16.93 -6.19 0.09
N ALA A 149 16.73 -6.98 -0.95
CA ALA A 149 17.17 -8.36 -1.03
C ALA A 149 18.69 -8.48 -0.95
N ARG A 150 19.40 -7.59 -1.65
CA ARG A 150 20.87 -7.65 -1.62
C ARG A 150 21.35 -7.51 -0.18
N GLY A 151 22.31 -8.35 0.22
CA GLY A 151 22.83 -8.32 1.58
C GLY A 151 21.91 -9.03 2.54
N TRP A 152 20.81 -8.37 2.91
CA TRP A 152 19.79 -8.99 3.75
C TRP A 152 18.40 -8.51 3.34
N SER A 153 17.44 -9.42 3.39
CA SER A 153 16.09 -9.21 2.89
C SER A 153 15.16 -8.50 3.87
N TRP A 154 14.30 -7.67 3.29
CA TRP A 154 13.24 -6.91 3.91
C TRP A 154 12.70 -5.90 2.88
N ALA A 155 11.37 -5.82 2.76
CA ALA A 155 10.77 -4.95 1.74
C ALA A 155 10.60 -3.52 2.23
N ILE A 156 10.13 -2.66 1.33
CA ILE A 156 9.91 -1.26 1.66
C ILE A 156 8.65 -0.73 1.03
N PHE A 157 8.10 0.36 1.57
CA PHE A 157 6.83 0.88 1.05
C PHE A 157 6.96 2.36 0.73
N SER A 158 7.15 2.68 -0.54
CA SER A 158 7.35 4.06 -0.97
C SER A 158 6.03 4.78 -1.21
N VAL A 159 5.75 5.77 -0.37
CA VAL A 159 4.54 6.57 -0.45
C VAL A 159 4.83 8.02 -0.81
N GLY A 160 3.92 8.62 -1.57
CA GLY A 160 4.07 10.02 -1.97
C GLY A 160 3.16 10.91 -1.14
N PRO A 161 2.76 12.03 -1.75
CA PRO A 161 1.89 13.04 -1.15
C PRO A 161 0.78 12.43 -0.29
N VAL A 162 1.04 12.42 1.02
CA VAL A 162 0.11 11.93 2.02
C VAL A 162 -0.95 12.98 2.36
N SER A 163 -2.11 12.50 2.79
CA SER A 163 -3.24 13.34 3.15
C SER A 163 -4.06 12.70 4.25
N PRO A 164 -3.81 13.11 5.51
CA PRO A 164 -4.53 12.57 6.67
C PRO A 164 -5.79 13.36 7.00
N SER A 165 -6.65 12.74 7.82
CA SER A 165 -7.87 13.38 8.29
C SER A 165 -8.07 13.14 9.78
N ARG A 166 -7.93 11.90 10.21
CA ARG A 166 -8.12 11.49 11.59
C ARG A 166 -6.82 10.97 12.20
N ARG A 167 -6.66 9.65 12.20
CA ARG A 167 -5.47 9.01 12.73
C ARG A 167 -4.53 8.55 11.62
N TRP A 168 -3.25 8.90 11.77
CA TRP A 168 -2.21 8.58 10.79
C TRP A 168 -1.03 7.87 11.46
N SER A 169 -1.12 6.54 11.54
CA SER A 169 -0.10 5.72 12.18
C SER A 169 0.17 4.47 11.35
N TYR A 170 1.43 4.02 11.27
CA TYR A 170 1.76 2.85 10.47
C TYR A 170 2.43 1.75 11.29
N ARG A 171 2.04 0.52 11.04
CA ARG A 171 2.63 -0.67 11.65
C ARG A 171 2.88 -1.74 10.60
N CYS A 172 4.03 -2.43 10.67
CA CYS A 172 4.37 -3.45 9.70
C CYS A 172 4.49 -4.85 10.31
N TYR A 173 4.33 -5.83 9.41
CA TYR A 173 4.42 -7.23 9.78
C TYR A 173 5.51 -7.93 9.00
N ALA A 174 5.75 -9.19 9.33
CA ALA A 174 6.75 -9.99 8.64
C ALA A 174 6.40 -11.48 8.63
N TYR A 175 6.64 -12.12 7.48
CA TYR A 175 6.39 -13.55 7.35
C TYR A 175 7.23 -14.15 6.21
N ASP A 176 7.05 -15.45 6.04
CA ASP A 176 7.69 -16.19 4.96
C ASP A 176 6.66 -16.89 4.08
N SER A 177 6.99 -17.12 2.83
CA SER A 177 6.06 -17.72 1.88
C SER A 177 5.60 -19.12 2.31
N ASN A 178 6.33 -19.75 3.26
CA ASN A 178 5.88 -21.06 3.73
C ASN A 178 4.45 -20.98 4.28
N SER A 179 4.11 -19.82 4.86
CA SER A 179 2.82 -19.58 5.47
C SER A 179 2.44 -18.10 5.45
N PRO A 180 1.66 -17.72 4.45
CA PRO A 180 1.29 -16.33 4.25
C PRO A 180 0.19 -15.83 5.19
N TYR A 181 -0.27 -16.68 6.10
CA TYR A 181 -1.35 -16.29 7.00
C TYR A 181 -0.88 -16.22 8.46
N VAL A 182 0.20 -16.94 8.77
CA VAL A 182 0.80 -16.90 10.10
C VAL A 182 2.02 -15.97 10.12
N TRP A 183 1.87 -14.84 10.81
CA TRP A 183 2.84 -13.76 10.78
C TRP A 183 3.40 -13.41 12.15
N SER A 184 4.44 -12.59 12.15
CA SER A 184 5.14 -12.11 13.33
C SER A 184 4.35 -11.02 14.06
N LEU A 185 5.00 -10.45 15.08
CA LEU A 185 4.45 -9.38 15.89
C LEU A 185 4.61 -8.03 15.21
N PRO A 186 3.61 -7.17 15.38
CA PRO A 186 3.65 -5.84 14.79
C PRO A 186 4.87 -5.05 15.26
N SER A 187 5.26 -4.06 14.47
CA SER A 187 6.40 -3.20 14.77
C SER A 187 6.02 -2.03 15.67
N ASP A 188 7.02 -1.41 16.26
CA ASP A 188 6.84 -0.25 17.12
C ASP A 188 6.13 0.89 16.37
N LEU A 189 4.96 1.27 16.85
CA LEU A 189 4.11 2.29 16.31
C LEU A 189 4.90 3.47 15.74
N LEU A 190 4.80 3.67 14.44
CA LEU A 190 5.53 4.78 13.82
C LEU A 190 4.58 5.92 13.50
N GLU A 191 4.79 7.06 14.15
CA GLU A 191 3.88 8.17 13.95
C GLU A 191 4.47 9.27 13.06
N LEU A 192 3.83 9.46 11.90
CA LEU A 192 4.19 10.43 10.89
C LEU A 192 3.91 11.85 11.36
N LEU A 193 4.83 12.77 11.04
CA LEU A 193 4.73 14.15 11.48
C LEU A 193 4.50 15.11 10.32
N VAL A 194 3.46 15.95 10.44
CA VAL A 194 3.10 16.88 9.38
C VAL A 194 2.88 18.29 9.90
N PRO A 195 3.43 19.27 9.19
CA PRO A 195 3.24 20.67 9.56
C PRO A 195 1.95 21.23 8.96
N GLY A 196 1.72 22.52 9.21
CA GLY A 196 0.51 23.18 8.74
C GLY A 196 0.84 24.42 7.92
N LEU B 3 -29.77 -21.74 -3.29
CA LEU B 3 -28.78 -21.74 -4.34
C LEU B 3 -27.86 -20.53 -4.36
N PRO B 4 -28.25 -19.29 -4.09
CA PRO B 4 -27.27 -18.19 -4.18
C PRO B 4 -26.01 -18.41 -3.34
N LYS B 5 -24.94 -17.79 -3.78
CA LYS B 5 -23.63 -17.92 -3.15
C LYS B 5 -23.54 -17.18 -1.83
N PRO B 6 -23.02 -17.89 -0.81
CA PRO B 6 -22.84 -17.28 0.51
C PRO B 6 -21.55 -16.45 0.56
N THR B 7 -21.39 -15.69 1.61
CA THR B 7 -20.20 -14.87 1.85
C THR B 7 -19.91 -14.79 3.36
N LEU B 8 -18.74 -15.25 3.74
CA LEU B 8 -18.30 -15.26 5.13
C LEU B 8 -17.39 -14.08 5.46
N TRP B 9 -17.46 -13.66 6.73
CA TRP B 9 -16.62 -12.57 7.21
C TRP B 9 -16.42 -12.65 8.71
N ALA B 10 -15.33 -12.10 9.21
CA ALA B 10 -15.04 -12.09 10.65
C ALA B 10 -15.71 -10.90 11.34
N GLU B 11 -16.15 -11.07 12.58
CA GLU B 11 -16.81 -9.95 13.25
C GLU B 11 -15.80 -9.08 13.97
N PRO B 12 -14.96 -9.63 14.84
CA PRO B 12 -13.95 -8.79 15.50
C PRO B 12 -12.79 -8.46 14.57
N GLY B 13 -12.86 -8.96 13.33
CA GLY B 13 -11.82 -8.73 12.35
C GLY B 13 -11.18 -10.02 11.84
N SER B 14 -10.53 -9.96 10.69
CA SER B 14 -9.94 -11.14 10.07
C SER B 14 -8.49 -11.35 10.50
N VAL B 15 -7.84 -10.29 10.97
CA VAL B 15 -6.50 -10.45 11.51
C VAL B 15 -6.50 -10.09 13.00
N ILE B 16 -6.06 -11.06 13.79
CA ILE B 16 -6.10 -11.01 15.24
C ILE B 16 -4.81 -11.54 15.86
N ILE B 17 -4.62 -11.21 17.13
CA ILE B 17 -3.46 -11.65 17.87
C ILE B 17 -3.77 -12.87 18.71
N GLN B 18 -2.72 -13.55 19.18
CA GLN B 18 -2.91 -14.67 20.09
C GLN B 18 -3.52 -14.19 21.41
N GLY B 19 -4.40 -14.98 21.99
CA GLY B 19 -5.06 -14.58 23.23
C GLY B 19 -6.28 -13.70 22.97
N SER B 20 -6.59 -13.48 21.69
CA SER B 20 -7.76 -12.69 21.35
C SER B 20 -8.83 -13.53 20.66
N PRO B 21 -10.09 -13.19 20.94
CA PRO B 21 -11.24 -13.91 20.40
C PRO B 21 -11.44 -13.67 18.90
N VAL B 22 -11.75 -14.74 18.16
CA VAL B 22 -12.01 -14.67 16.72
C VAL B 22 -13.42 -15.14 16.38
N THR B 23 -14.22 -14.30 15.72
CA THR B 23 -15.57 -14.77 15.41
C THR B 23 -15.94 -14.48 13.95
N LEU B 24 -15.97 -15.57 13.16
CA LEU B 24 -16.35 -15.54 11.76
C LEU B 24 -17.85 -15.75 11.59
N ARG B 25 -18.37 -15.19 10.49
CA ARG B 25 -19.79 -15.24 10.18
C ARG B 25 -20.00 -15.37 8.66
N CYS B 26 -20.90 -16.27 8.26
CA CYS B 26 -21.23 -16.45 6.84
C CYS B 26 -22.73 -16.37 6.61
N GLN B 27 -23.20 -15.25 6.08
CA GLN B 27 -24.63 -15.08 5.81
C GLN B 27 -25.06 -15.86 4.55
N GLY B 28 -26.37 -15.81 4.29
CA GLY B 28 -26.95 -16.45 3.12
C GLY B 28 -28.40 -16.12 2.89
N SER B 29 -29.22 -17.16 2.73
CA SER B 29 -30.67 -17.00 2.53
C SER B 29 -31.41 -17.43 3.78
N LEU B 30 -32.60 -16.85 4.01
CA LEU B 30 -33.35 -17.11 5.21
C LEU B 30 -34.04 -18.47 5.20
N GLN B 31 -33.75 -19.27 4.16
CA GLN B 31 -34.32 -20.58 3.95
C GLN B 31 -33.43 -21.70 4.50
N ALA B 32 -32.11 -21.44 4.46
CA ALA B 32 -31.04 -22.34 4.84
C ALA B 32 -31.36 -23.18 6.07
N GLU B 33 -30.50 -24.19 6.30
CA GLU B 33 -30.59 -25.12 7.41
C GLU B 33 -29.21 -25.51 7.98
N GLU B 34 -28.19 -25.49 7.14
CA GLU B 34 -26.86 -25.93 7.59
C GLU B 34 -25.75 -25.04 7.05
N TYR B 35 -24.52 -25.39 7.31
CA TYR B 35 -23.34 -24.66 6.89
C TYR B 35 -22.18 -25.58 6.51
N HIS B 36 -21.05 -24.96 6.18
CA HIS B 36 -19.81 -25.63 5.79
C HIS B 36 -18.59 -24.70 5.95
N LEU B 37 -17.42 -25.28 6.28
CA LEU B 37 -16.24 -24.43 6.45
C LEU B 37 -15.13 -24.72 5.43
N TYR B 38 -13.98 -24.12 5.69
CA TYR B 38 -12.83 -24.19 4.81
C TYR B 38 -12.27 -25.60 4.69
N ARG B 39 -11.19 -25.69 3.93
CA ARG B 39 -10.41 -26.90 3.70
C ARG B 39 -9.39 -26.67 2.57
N GLU B 40 -8.15 -27.10 2.79
CA GLU B 40 -7.09 -26.90 1.80
C GLU B 40 -6.49 -28.21 1.34
N ASN B 41 -5.24 -28.13 0.86
CA ASN B 41 -4.52 -29.27 0.34
C ASN B 41 -4.27 -30.33 1.43
N LYS B 42 -4.22 -29.89 2.68
CA LYS B 42 -4.07 -30.82 3.80
C LYS B 42 -4.81 -30.32 5.04
N SER B 43 -5.95 -29.66 4.83
CA SER B 43 -6.75 -29.06 5.90
C SER B 43 -7.92 -29.95 6.33
N ALA B 44 -8.65 -29.47 7.35
CA ALA B 44 -9.81 -30.18 7.91
C ALA B 44 -11.08 -29.37 7.75
N SER B 45 -12.20 -30.09 7.56
CA SER B 45 -13.50 -29.48 7.35
C SER B 45 -14.33 -29.47 8.62
N TRP B 46 -15.26 -28.53 8.68
CA TRP B 46 -16.09 -28.26 9.86
C TRP B 46 -17.57 -28.20 9.51
N VAL B 47 -18.42 -27.92 10.51
CA VAL B 47 -19.85 -27.81 10.28
C VAL B 47 -20.62 -27.38 11.51
N ARG B 48 -21.87 -26.99 11.28
CA ARG B 48 -22.84 -26.54 12.27
C ARG B 48 -24.25 -26.63 11.68
N ARG B 49 -25.25 -26.93 12.52
CA ARG B 49 -26.59 -27.14 11.99
C ARG B 49 -27.52 -26.00 12.41
N ILE B 50 -28.45 -25.69 11.51
CA ILE B 50 -29.45 -24.63 11.68
C ILE B 50 -30.87 -25.14 11.54
N GLN B 51 -31.77 -24.60 12.36
CA GLN B 51 -33.16 -25.01 12.38
C GLN B 51 -33.76 -25.04 10.97
N GLU B 52 -34.55 -24.00 10.65
CA GLU B 52 -35.14 -23.87 9.32
C GLU B 52 -35.02 -22.43 8.82
N PRO B 53 -35.52 -21.45 9.56
CA PRO B 53 -35.36 -20.03 9.16
C PRO B 53 -33.93 -19.54 9.43
N GLY B 54 -33.60 -18.45 8.75
CA GLY B 54 -32.27 -17.88 8.77
C GLY B 54 -32.04 -16.88 9.89
N LYS B 55 -30.97 -17.11 10.66
CA LYS B 55 -30.58 -16.30 11.80
C LYS B 55 -29.33 -15.48 11.50
N ASN B 56 -28.16 -16.08 11.64
CA ASN B 56 -26.89 -15.41 11.34
C ASN B 56 -25.83 -16.37 10.81
N GLY B 57 -25.75 -17.55 11.41
CA GLY B 57 -24.74 -18.54 11.05
C GLY B 57 -23.36 -18.08 11.50
N GLN B 58 -22.90 -18.65 12.61
CA GLN B 58 -21.66 -18.20 13.24
C GLN B 58 -20.72 -19.35 13.59
N PHE B 59 -19.43 -19.11 13.37
CA PHE B 59 -18.38 -20.07 13.68
C PHE B 59 -17.31 -19.49 14.60
N PRO B 60 -17.32 -19.93 15.86
CA PRO B 60 -16.47 -19.38 16.91
C PRO B 60 -15.15 -20.13 17.16
N ILE B 61 -14.15 -19.35 17.57
CA ILE B 61 -12.86 -19.83 18.02
C ILE B 61 -12.29 -18.85 19.06
N PRO B 62 -12.82 -18.94 20.26
CA PRO B 62 -12.44 -18.08 21.38
C PRO B 62 -10.92 -17.97 21.49
N SER B 63 -10.26 -19.07 21.90
CA SER B 63 -8.79 -19.03 21.98
C SER B 63 -8.20 -19.34 20.61
N ILE B 64 -7.90 -18.28 19.86
CA ILE B 64 -7.35 -18.43 18.52
C ILE B 64 -5.97 -19.08 18.53
N THR B 65 -5.62 -19.76 17.45
CA THR B 65 -4.37 -20.51 17.38
C THR B 65 -3.84 -20.55 15.95
N TRP B 66 -2.52 -20.54 15.83
CA TRP B 66 -1.79 -20.49 14.57
C TRP B 66 -2.31 -21.52 13.57
N GLU B 67 -2.49 -22.76 14.03
CA GLU B 67 -2.92 -23.82 13.12
C GLU B 67 -4.24 -23.44 12.44
N HIS B 68 -5.09 -22.72 13.18
CA HIS B 68 -6.38 -22.31 12.63
C HIS B 68 -6.18 -21.31 11.50
N ALA B 69 -4.97 -20.74 11.45
CA ALA B 69 -4.61 -19.78 10.40
C ALA B 69 -4.64 -20.47 9.03
N GLY B 70 -5.66 -20.15 8.22
CA GLY B 70 -5.81 -20.68 6.88
C GLY B 70 -6.91 -19.99 6.10
N ARG B 71 -6.95 -20.20 4.79
CA ARG B 71 -8.02 -19.58 3.95
C ARG B 71 -9.33 -20.33 4.15
N TYR B 72 -10.45 -19.61 4.15
CA TYR B 72 -11.70 -20.29 4.50
C TYR B 72 -12.70 -20.34 3.36
N HIS B 73 -13.79 -21.10 3.55
CA HIS B 73 -14.86 -21.26 2.59
C HIS B 73 -16.21 -21.55 3.26
N CYS B 74 -17.30 -21.03 2.69
CA CYS B 74 -18.64 -21.23 3.19
C CYS B 74 -19.62 -21.63 2.08
N GLN B 75 -20.29 -22.76 2.25
CA GLN B 75 -21.33 -23.22 1.34
C GLN B 75 -22.47 -23.89 2.14
N TYR B 76 -23.66 -23.32 2.03
CA TYR B 76 -24.80 -23.76 2.83
C TYR B 76 -25.68 -24.78 2.11
N TYR B 77 -26.69 -25.27 2.84
CA TYR B 77 -27.64 -26.26 2.34
C TYR B 77 -29.07 -25.78 2.48
N SER B 78 -29.89 -26.10 1.48
CA SER B 78 -31.28 -25.70 1.43
C SER B 78 -32.23 -26.88 1.63
N HIS B 79 -32.70 -27.35 0.47
CA HIS B 79 -33.59 -28.51 0.40
C HIS B 79 -32.84 -29.69 -0.19
N ASN B 80 -32.74 -29.79 -1.53
CA ASN B 80 -32.03 -30.95 -2.07
C ASN B 80 -30.64 -30.59 -2.58
N HIS B 81 -30.46 -29.36 -3.06
CA HIS B 81 -29.14 -29.00 -3.64
C HIS B 81 -28.27 -28.28 -2.63
N SER B 82 -27.08 -27.84 -3.08
CA SER B 82 -26.12 -27.11 -2.26
C SER B 82 -25.62 -25.86 -2.98
N SER B 83 -25.70 -24.69 -2.34
CA SER B 83 -25.20 -23.48 -2.99
C SER B 83 -23.72 -23.61 -3.35
N GLU B 84 -23.14 -22.54 -3.86
CA GLU B 84 -21.72 -22.59 -4.25
C GLU B 84 -20.84 -22.13 -3.09
N TYR B 85 -19.66 -22.76 -2.97
CA TYR B 85 -18.75 -22.42 -1.89
C TYR B 85 -18.17 -21.02 -2.11
N SER B 86 -18.57 -20.15 -1.19
CA SER B 86 -18.22 -18.73 -1.14
C SER B 86 -16.74 -18.50 -1.40
N ASP B 87 -16.39 -17.29 -1.84
CA ASP B 87 -15.00 -16.92 -2.12
C ASP B 87 -14.13 -17.07 -0.88
N PRO B 88 -12.99 -17.71 -1.05
CA PRO B 88 -12.08 -17.96 0.07
C PRO B 88 -11.81 -16.67 0.88
N LEU B 89 -11.55 -16.86 2.16
CA LEU B 89 -11.20 -15.74 3.03
C LEU B 89 -10.12 -16.15 4.03
N GLU B 90 -8.90 -15.64 3.82
CA GLU B 90 -7.74 -16.01 4.59
C GLU B 90 -7.81 -15.51 6.04
N LEU B 91 -7.76 -16.48 6.96
CA LEU B 91 -7.69 -16.24 8.40
C LEU B 91 -6.23 -15.98 8.79
N VAL B 92 -5.96 -14.85 9.44
CA VAL B 92 -4.58 -14.54 9.77
C VAL B 92 -4.35 -14.45 11.28
N VAL B 93 -3.38 -15.27 11.74
CA VAL B 93 -2.91 -15.25 13.12
C VAL B 93 -1.50 -14.66 13.18
N THR B 94 -1.33 -13.70 14.08
CA THR B 94 -0.10 -12.93 14.20
C THR B 94 0.61 -13.17 15.53
N GLY B 95 1.81 -12.63 15.64
CA GLY B 95 2.64 -12.60 16.82
C GLY B 95 3.49 -13.82 17.06
N ALA B 96 3.78 -14.58 16.00
CA ALA B 96 4.50 -15.84 16.16
C ALA B 96 5.97 -15.65 16.49
N TYR B 97 6.70 -14.98 15.59
CA TYR B 97 8.15 -14.91 15.79
C TYR B 97 8.68 -13.46 15.90
N SER B 98 9.95 -13.31 15.54
CA SER B 98 10.74 -12.10 15.65
C SER B 98 10.06 -10.90 14.97
N LYS B 99 9.93 -9.84 15.77
CA LYS B 99 9.31 -8.60 15.38
C LYS B 99 10.25 -7.73 14.55
N PRO B 100 9.71 -7.03 13.57
CA PRO B 100 10.51 -6.10 12.77
C PRO B 100 10.38 -4.67 13.28
N THR B 101 11.23 -3.80 12.73
CA THR B 101 11.16 -2.37 13.04
C THR B 101 10.74 -1.60 11.78
N LEU B 102 9.98 -0.53 12.00
CA LEU B 102 9.52 0.38 10.96
C LEU B 102 10.30 1.69 11.02
N SER B 103 11.09 2.00 9.97
CA SER B 103 11.85 3.25 10.05
C SER B 103 11.64 4.14 8.82
N ALA B 104 10.72 5.10 8.97
CA ALA B 104 10.45 6.04 7.88
C ALA B 104 11.71 6.80 7.50
N LEU B 105 12.37 6.35 6.44
CA LEU B 105 13.62 6.99 6.01
C LEU B 105 13.35 8.18 5.08
N PRO B 106 14.12 9.25 5.26
CA PRO B 106 15.10 9.31 6.35
C PRO B 106 14.50 9.88 7.63
N SER B 107 13.18 10.12 7.60
CA SER B 107 12.48 10.67 8.76
C SER B 107 10.97 10.64 8.54
N PRO B 108 10.24 10.45 9.63
CA PRO B 108 8.78 10.42 9.60
C PRO B 108 8.16 11.79 9.38
N VAL B 109 8.84 12.88 9.76
CA VAL B 109 8.29 14.22 9.52
C VAL B 109 8.23 14.52 8.02
N VAL B 110 7.05 14.94 7.56
CA VAL B 110 6.87 15.16 6.13
C VAL B 110 5.70 16.08 5.84
N THR B 111 5.86 16.92 4.81
CA THR B 111 4.86 17.90 4.43
C THR B 111 3.69 17.27 3.69
N LEU B 112 2.52 17.88 3.82
CA LEU B 112 1.36 17.47 3.03
C LEU B 112 1.68 17.63 1.55
N GLY B 113 2.28 16.61 0.96
CA GLY B 113 2.75 16.66 -0.42
C GLY B 113 4.26 16.48 -0.46
N GLY B 114 4.76 15.83 0.60
CA GLY B 114 6.14 15.44 0.75
C GLY B 114 6.32 13.96 0.45
N ASN B 115 7.49 13.55 -0.03
CA ASN B 115 7.64 12.12 -0.31
C ASN B 115 8.08 11.38 0.95
N VAL B 116 8.10 10.05 0.90
CA VAL B 116 8.48 9.26 2.07
C VAL B 116 8.50 7.77 1.74
N THR B 117 9.35 7.03 2.44
CA THR B 117 9.56 5.60 2.25
C THR B 117 9.64 4.83 3.56
N LEU B 118 8.49 4.40 4.07
CA LEU B 118 8.44 3.59 5.28
C LEU B 118 9.12 2.24 5.07
N GLN B 119 10.16 1.97 5.85
CA GLN B 119 10.92 0.73 5.73
C GLN B 119 10.62 -0.23 6.89
N CYS B 120 10.44 -1.51 6.55
CA CYS B 120 10.23 -2.58 7.51
C CYS B 120 11.29 -3.67 7.34
N VAL B 121 12.39 -3.54 8.08
CA VAL B 121 13.48 -4.49 7.97
C VAL B 121 13.44 -5.54 9.09
N SER B 122 13.58 -6.81 8.69
CA SER B 122 13.54 -7.91 9.63
C SER B 122 14.87 -8.63 9.78
N GLN B 123 15.16 -8.99 11.03
CA GLN B 123 16.38 -9.70 11.39
C GLN B 123 16.48 -11.02 10.65
N VAL B 124 15.40 -11.78 10.64
CA VAL B 124 15.40 -13.07 9.93
C VAL B 124 14.92 -12.93 8.50
N ALA B 125 15.62 -13.61 7.59
CA ALA B 125 15.37 -13.54 6.17
C ALA B 125 13.96 -13.98 5.78
N PHE B 126 13.04 -13.02 5.80
CA PHE B 126 11.65 -13.27 5.41
C PHE B 126 11.43 -12.87 3.95
N ASP B 127 10.22 -13.10 3.44
CA ASP B 127 9.93 -12.69 2.06
C ASP B 127 8.54 -12.07 1.96
N GLY B 128 7.76 -12.20 3.06
CA GLY B 128 6.44 -11.60 3.09
C GLY B 128 6.34 -10.45 4.09
N PHE B 129 6.22 -9.21 3.58
CA PHE B 129 6.07 -8.05 4.44
C PHE B 129 4.81 -7.27 4.07
N ILE B 130 4.01 -6.99 5.10
CA ILE B 130 2.76 -6.25 4.98
C ILE B 130 2.87 -4.89 5.68
N LEU B 131 2.28 -3.87 5.06
CA LEU B 131 2.23 -2.54 5.64
C LEU B 131 0.86 -2.30 6.27
N CYS B 132 0.82 -1.67 7.45
CA CYS B 132 -0.45 -1.52 8.13
C CYS B 132 -0.64 -0.18 8.83
N LYS B 133 -1.39 0.71 8.19
CA LYS B 133 -1.80 1.97 8.80
C LYS B 133 -3.01 1.74 9.69
N GLU B 134 -3.00 2.36 10.88
CA GLU B 134 -4.10 2.14 11.81
C GLU B 134 -5.26 3.11 11.58
N GLY B 135 -6.46 2.69 12.00
CA GLY B 135 -7.67 3.46 11.90
C GLY B 135 -7.99 4.25 13.16
N GLU B 136 -8.78 5.32 13.04
CA GLU B 136 -9.05 6.15 14.21
C GLU B 136 -9.87 5.39 15.24
N ASP B 137 -11.00 4.85 14.79
CA ASP B 137 -11.80 4.01 15.67
C ASP B 137 -11.89 2.61 15.06
N GLU B 138 -11.54 2.58 13.78
CA GLU B 138 -11.47 1.35 13.00
C GLU B 138 -10.13 0.66 13.23
N HIS B 139 -10.15 -0.66 13.39
CA HIS B 139 -8.88 -1.37 13.57
C HIS B 139 -8.08 -1.33 12.25
N PRO B 140 -6.76 -1.23 12.38
CA PRO B 140 -5.82 -1.06 11.28
C PRO B 140 -6.21 -1.82 10.01
N GLN B 141 -6.15 -1.12 8.89
CA GLN B 141 -6.35 -1.69 7.56
C GLN B 141 -5.00 -2.12 6.99
N CYS B 142 -4.88 -3.37 6.55
CA CYS B 142 -3.57 -3.89 6.16
C CYS B 142 -3.48 -4.23 4.67
N LEU B 143 -2.36 -3.84 4.07
CA LEU B 143 -2.10 -4.04 2.63
C LEU B 143 -0.83 -4.87 2.42
N ASN B 144 -0.98 -6.03 1.77
CA ASN B 144 0.21 -6.81 1.45
C ASN B 144 0.54 -6.64 -0.03
N SER B 145 1.83 -6.79 -0.38
CA SER B 145 2.20 -6.65 -1.79
C SER B 145 2.96 -7.89 -2.27
N HIS B 146 2.22 -8.83 -2.86
CA HIS B 146 2.90 -9.97 -3.48
C HIS B 146 2.70 -9.90 -4.99
N SER B 147 3.55 -10.59 -5.73
CA SER B 147 3.56 -10.58 -7.18
C SER B 147 3.77 -11.97 -7.74
N HIS B 148 3.63 -12.08 -9.06
CA HIS B 148 3.71 -13.35 -9.76
C HIS B 148 5.09 -13.63 -10.34
N ALA B 149 5.11 -14.57 -11.28
CA ALA B 149 6.34 -15.01 -11.93
C ALA B 149 6.07 -15.62 -13.30
N ARG B 150 5.12 -16.54 -13.39
CA ARG B 150 4.82 -17.23 -14.64
C ARG B 150 3.94 -16.38 -15.55
N GLY B 151 3.85 -16.80 -16.81
CA GLY B 151 3.22 -15.96 -17.83
C GLY B 151 4.09 -14.72 -18.02
N TRP B 152 3.49 -13.55 -17.90
CA TRP B 152 4.24 -12.29 -17.93
C TRP B 152 3.84 -11.50 -16.67
N SER B 153 4.74 -11.53 -15.69
CA SER B 153 4.57 -11.04 -14.34
C SER B 153 3.70 -9.80 -14.24
N TRP B 154 2.83 -9.83 -13.23
CA TRP B 154 1.87 -8.80 -12.91
C TRP B 154 1.69 -8.71 -11.39
N ALA B 155 1.24 -7.56 -10.89
CA ALA B 155 1.19 -7.38 -9.44
C ALA B 155 -0.22 -7.31 -8.89
N ILE B 156 -0.36 -7.86 -7.66
CA ILE B 156 -1.62 -7.90 -6.95
C ILE B 156 -1.51 -7.33 -5.54
N PHE B 157 -2.45 -6.44 -5.21
CA PHE B 157 -2.44 -5.83 -3.89
C PHE B 157 -3.56 -6.41 -3.03
N SER B 158 -3.17 -7.39 -2.23
CA SER B 158 -4.03 -8.07 -1.28
C SER B 158 -4.13 -7.27 0.02
N VAL B 159 -5.26 -6.59 0.20
CA VAL B 159 -5.50 -5.80 1.39
C VAL B 159 -6.54 -6.46 2.31
N GLY B 160 -6.41 -6.18 3.59
CA GLY B 160 -7.31 -6.66 4.62
C GLY B 160 -8.56 -5.80 4.71
N PRO B 161 -9.03 -5.57 5.93
CA PRO B 161 -10.25 -4.81 6.16
C PRO B 161 -10.28 -3.48 5.39
N VAL B 162 -11.33 -3.29 4.59
CA VAL B 162 -11.49 -2.05 3.83
C VAL B 162 -12.17 -0.98 4.67
N SER B 163 -11.52 0.20 4.74
CA SER B 163 -12.05 1.33 5.49
C SER B 163 -12.24 2.54 4.58
N PRO B 164 -13.41 2.65 3.98
CA PRO B 164 -13.67 3.78 3.07
C PRO B 164 -13.74 5.11 3.81
N SER B 165 -13.20 6.18 3.22
CA SER B 165 -13.28 7.47 3.90
C SER B 165 -13.83 8.55 2.98
N ARG B 166 -13.04 8.99 2.00
CA ARG B 166 -13.46 10.06 1.12
C ARG B 166 -13.78 9.56 -0.28
N ARG B 167 -13.81 10.51 -1.22
CA ARG B 167 -14.06 10.21 -2.62
C ARG B 167 -13.25 8.99 -3.05
N TRP B 168 -13.95 7.95 -3.50
CA TRP B 168 -13.28 6.67 -3.77
C TRP B 168 -12.91 6.55 -5.25
N SER B 169 -11.71 5.99 -5.48
CA SER B 169 -11.16 5.81 -6.82
C SER B 169 -9.71 5.31 -6.76
N TYR B 170 -9.40 4.33 -7.61
CA TYR B 170 -8.06 3.76 -7.68
C TYR B 170 -7.51 3.87 -9.09
N ARG B 171 -6.18 3.87 -9.24
CA ARG B 171 -5.53 3.88 -10.54
C ARG B 171 -4.25 3.05 -10.51
N CYS B 172 -3.92 2.46 -11.66
CA CYS B 172 -2.78 1.53 -11.78
C CYS B 172 -1.71 2.02 -12.75
N TYR B 173 -0.51 1.45 -12.59
CA TYR B 173 0.68 1.88 -13.31
C TYR B 173 1.73 0.79 -13.39
N ALA B 174 2.56 0.85 -14.44
CA ALA B 174 3.59 -0.16 -14.66
C ALA B 174 4.85 0.41 -15.30
N TYR B 175 6.01 0.02 -14.75
CA TYR B 175 7.30 0.51 -15.23
C TYR B 175 8.27 -0.65 -15.46
N ASP B 176 9.47 -0.34 -15.96
CA ASP B 176 10.53 -1.32 -16.18
C ASP B 176 11.60 -1.22 -15.09
N SER B 177 12.36 -2.28 -14.91
CA SER B 177 13.50 -2.40 -14.02
C SER B 177 14.60 -1.39 -14.34
N ASN B 178 14.97 -1.28 -15.60
CA ASN B 178 16.02 -0.37 -16.04
C ASN B 178 15.58 1.09 -15.92
N SER B 179 14.30 1.35 -16.20
CA SER B 179 13.79 2.71 -16.05
C SER B 179 12.60 2.75 -15.09
N PRO B 180 12.90 3.12 -13.85
CA PRO B 180 11.91 3.13 -12.76
C PRO B 180 11.15 4.43 -12.57
N TYR B 181 11.68 5.54 -13.09
CA TYR B 181 11.04 6.85 -12.92
C TYR B 181 10.16 7.20 -14.11
N VAL B 182 9.76 6.18 -14.86
CA VAL B 182 8.92 6.34 -16.04
C VAL B 182 7.78 5.32 -16.05
N TRP B 183 6.57 5.79 -15.76
CA TRP B 183 5.40 4.90 -15.65
C TRP B 183 4.52 5.00 -16.89
N SER B 184 3.74 3.95 -17.12
CA SER B 184 2.83 3.89 -18.25
C SER B 184 1.68 4.88 -18.07
N LEU B 185 0.81 4.91 -19.08
CA LEU B 185 -0.37 5.76 -19.05
C LEU B 185 -1.36 5.28 -18.00
N PRO B 186 -2.22 6.18 -17.55
CA PRO B 186 -3.20 5.78 -16.51
C PRO B 186 -4.12 4.68 -17.05
N SER B 187 -4.79 3.98 -16.13
CA SER B 187 -5.77 2.98 -16.56
C SER B 187 -7.16 3.45 -16.18
N ASP B 188 -8.17 2.58 -16.31
CA ASP B 188 -9.52 2.98 -15.88
C ASP B 188 -9.53 3.32 -14.40
N LEU B 189 -10.69 3.77 -13.89
CA LEU B 189 -10.83 4.10 -12.47
C LEU B 189 -11.59 3.02 -11.72
N LEU B 190 -11.22 2.73 -10.48
CA LEU B 190 -11.96 1.70 -9.75
C LEU B 190 -12.40 2.19 -8.37
N GLU B 191 -13.69 2.09 -8.12
CA GLU B 191 -14.28 2.48 -6.85
C GLU B 191 -14.83 1.29 -6.08
N LEU B 192 -14.59 1.30 -4.77
CA LEU B 192 -15.11 0.27 -3.88
C LEU B 192 -16.48 0.68 -3.35
N LEU B 193 -17.41 -0.28 -3.35
CA LEU B 193 -18.79 -0.03 -2.95
C LEU B 193 -19.08 -0.53 -1.54
N VAL B 194 -19.48 0.40 -0.68
CA VAL B 194 -19.79 0.08 0.71
C VAL B 194 -21.08 0.75 1.15
N PRO B 195 -22.07 -0.04 1.57
CA PRO B 195 -23.36 0.53 1.99
C PRO B 195 -23.24 1.29 3.32
N GLY B 196 -24.39 1.72 3.81
CA GLY B 196 -24.51 2.44 5.06
C GLY B 196 -25.32 1.63 6.07
#